data_5UKZ
#
_entry.id   5UKZ
#
_entity_poly.entity_id   1
_entity_poly.type   'polypeptide(L)'
_entity_poly.pdbx_seq_one_letter_code
;KYYGNGVTCGKHSCSVDWGKATTCIINNGALAWATGGHQGNHKC
;
_entity_poly.pdbx_strand_id   A
#
# COMPACT_ATOMS: atom_id res chain seq x y z
N LYS A 1 -1.44 -4.47 8.92
CA LYS A 1 -2.51 -3.79 9.64
C LYS A 1 -3.72 -3.58 8.75
N TYR A 2 -3.50 -2.97 7.59
CA TYR A 2 -4.59 -2.62 6.69
C TYR A 2 -4.79 -3.69 5.62
N TYR A 3 -3.69 -4.33 5.21
CA TYR A 3 -3.76 -5.43 4.27
C TYR A 3 -4.79 -6.47 4.70
N GLY A 4 -5.80 -6.69 3.86
CA GLY A 4 -6.84 -7.67 4.15
C GLY A 4 -8.14 -6.99 4.55
N ASN A 5 -8.06 -5.70 4.87
CA ASN A 5 -9.22 -4.93 5.27
C ASN A 5 -9.68 -3.99 4.16
N GLY A 6 -9.68 -4.50 2.93
CA GLY A 6 -9.98 -3.69 1.76
C GLY A 6 -8.69 -3.22 1.09
N VAL A 7 -7.56 -3.73 1.55
CA VAL A 7 -6.26 -3.36 1.00
C VAL A 7 -5.51 -4.59 0.51
N THR A 8 -5.03 -4.52 -0.72
CA THR A 8 -4.25 -5.61 -1.31
C THR A 8 -3.20 -5.07 -2.27
N CYS A 9 -2.10 -5.80 -2.40
CA CYS A 9 -1.01 -5.40 -3.31
C CYS A 9 -0.77 -6.47 -4.36
N GLY A 10 -0.36 -6.02 -5.55
CA GLY A 10 -0.06 -6.94 -6.64
C GLY A 10 1.44 -7.14 -6.79
N LYS A 11 1.96 -6.93 -8.00
CA LYS A 11 3.38 -7.13 -8.27
C LYS A 11 4.15 -5.83 -8.12
N HIS A 12 3.77 -4.82 -8.88
CA HIS A 12 4.51 -3.56 -8.92
C HIS A 12 3.75 -2.46 -8.20
N SER A 13 2.44 -2.67 -8.01
CA SER A 13 1.57 -1.64 -7.47
C SER A 13 0.54 -2.22 -6.52
N CYS A 14 0.01 -1.37 -5.64
CA CYS A 14 -1.05 -1.79 -4.73
C CYS A 14 -2.39 -1.16 -5.11
N SER A 15 -3.47 -1.72 -4.58
CA SER A 15 -4.81 -1.22 -4.87
C SER A 15 -5.76 -1.49 -3.73
N VAL A 16 -6.71 -0.58 -3.52
CA VAL A 16 -7.67 -0.71 -2.42
C VAL A 16 -9.10 -0.67 -2.94
N ASP A 17 -10.02 -1.18 -2.13
CA ASP A 17 -11.43 -1.19 -2.49
C ASP A 17 -12.02 0.22 -2.45
N TRP A 18 -13.10 0.43 -3.18
CA TRP A 18 -13.76 1.73 -3.22
C TRP A 18 -14.27 2.13 -1.84
N GLY A 19 -13.89 3.32 -1.38
CA GLY A 19 -14.26 3.79 -0.07
C GLY A 19 -13.13 3.63 0.94
N LYS A 20 -12.10 2.90 0.53
CA LYS A 20 -10.94 2.68 1.39
C LYS A 20 -9.85 3.72 1.13
N ALA A 21 -9.04 3.98 2.14
CA ALA A 21 -7.97 4.97 2.03
C ALA A 21 -6.83 4.45 1.15
N THR A 22 -6.15 5.37 0.47
CA THR A 22 -5.03 5.00 -0.38
C THR A 22 -3.70 5.32 0.29
N THR A 23 -3.73 5.47 1.61
CA THR A 23 -2.54 5.81 2.38
C THR A 23 -1.46 4.74 2.21
N CYS A 24 -1.87 3.49 2.24
CA CYS A 24 -0.94 2.38 2.05
C CYS A 24 -0.30 2.41 0.67
N ILE A 25 -1.10 2.74 -0.34
CA ILE A 25 -0.62 2.86 -1.70
C ILE A 25 0.43 3.95 -1.82
N ILE A 26 0.15 5.10 -1.21
CA ILE A 26 1.07 6.24 -1.23
C ILE A 26 2.37 5.90 -0.52
N ASN A 27 2.26 5.31 0.68
CA ASN A 27 3.43 4.99 1.49
C ASN A 27 4.30 3.95 0.80
N ASN A 28 3.66 2.91 0.27
CA ASN A 28 4.37 1.84 -0.42
C ASN A 28 5.05 2.35 -1.69
N GLY A 29 4.37 3.26 -2.37
CA GLY A 29 4.94 3.90 -3.56
C GLY A 29 6.18 4.70 -3.20
N ALA A 30 6.09 5.50 -2.15
CA ALA A 30 7.21 6.31 -1.68
C ALA A 30 8.39 5.43 -1.29
N LEU A 31 8.09 4.34 -0.59
CA LEU A 31 9.13 3.39 -0.18
C LEU A 31 9.78 2.73 -1.39
N ALA A 32 8.96 2.39 -2.38
CA ALA A 32 9.45 1.79 -3.61
C ALA A 32 10.38 2.76 -4.34
N TRP A 33 10.01 4.03 -4.37
CA TRP A 33 10.81 5.05 -5.03
C TRP A 33 12.11 5.30 -4.29
N ALA A 34 12.04 5.29 -2.96
CA ALA A 34 13.21 5.57 -2.13
C ALA A 34 14.22 4.42 -2.21
N THR A 35 13.71 3.19 -2.18
CA THR A 35 14.58 2.02 -2.12
C THR A 35 14.83 1.44 -3.50
N GLY A 36 13.97 1.81 -4.45
CA GLY A 36 14.05 1.27 -5.80
C GLY A 36 13.40 -0.10 -5.88
N GLY A 37 12.39 -0.33 -5.04
CA GLY A 37 11.74 -1.63 -4.95
C GLY A 37 10.38 -1.62 -5.63
N HIS A 38 9.48 -2.47 -5.16
CA HIS A 38 8.15 -2.58 -5.74
C HIS A 38 7.07 -2.62 -4.65
N GLN A 39 5.90 -2.09 -4.97
CA GLN A 39 4.83 -1.96 -3.99
C GLN A 39 4.30 -3.33 -3.57
N GLY A 40 4.49 -4.32 -4.43
CA GLY A 40 4.08 -5.69 -4.13
C GLY A 40 4.97 -6.31 -3.06
N ASN A 41 6.15 -5.73 -2.86
CA ASN A 41 7.09 -6.22 -1.87
C ASN A 41 6.90 -5.51 -0.53
N HIS A 42 6.38 -4.29 -0.58
CA HIS A 42 6.13 -3.51 0.62
C HIS A 42 4.81 -3.92 1.27
N LYS A 43 4.72 -3.74 2.58
CA LYS A 43 3.53 -4.16 3.33
C LYS A 43 2.90 -2.98 4.05
N CYS A 44 1.61 -3.11 4.36
CA CYS A 44 0.89 -2.06 5.07
C CYS A 44 -0.38 -2.60 5.72
N LYS A 1 -1.83 -3.38 8.03
CA LYS A 1 -3.12 -2.92 7.54
C LYS A 1 -3.75 -3.96 6.62
N TYR A 2 -3.01 -4.38 5.61
CA TYR A 2 -3.51 -5.34 4.63
C TYR A 2 -2.70 -6.63 4.67
N TYR A 3 -1.43 -6.52 5.06
CA TYR A 3 -0.56 -7.68 5.18
C TYR A 3 -1.19 -8.75 6.05
N GLY A 4 -1.74 -8.35 7.19
CA GLY A 4 -2.24 -9.29 8.17
C GLY A 4 -3.58 -9.88 7.75
N ASN A 5 -4.12 -9.37 6.65
CA ASN A 5 -5.37 -9.87 6.11
C ASN A 5 -5.13 -10.82 4.94
N GLY A 6 -3.84 -11.07 4.65
CA GLY A 6 -3.47 -11.94 3.54
C GLY A 6 -3.58 -11.22 2.21
N VAL A 7 -3.47 -9.89 2.25
CA VAL A 7 -3.62 -9.07 1.06
C VAL A 7 -2.27 -8.52 0.60
N THR A 8 -1.96 -8.71 -0.67
CA THR A 8 -0.67 -8.30 -1.22
C THR A 8 -0.81 -7.07 -2.10
N CYS A 9 0.33 -6.51 -2.50
CA CYS A 9 0.34 -5.34 -3.38
C CYS A 9 0.94 -5.68 -4.74
N GLY A 10 0.68 -4.83 -5.72
CA GLY A 10 1.23 -5.02 -7.06
C GLY A 10 2.47 -4.16 -7.26
N LYS A 11 2.58 -3.55 -8.43
CA LYS A 11 3.75 -2.75 -8.78
C LYS A 11 3.53 -1.28 -8.44
N HIS A 12 2.51 -0.68 -9.05
CA HIS A 12 2.23 0.74 -8.87
C HIS A 12 1.01 0.95 -7.98
N SER A 13 0.45 -0.14 -7.48
CA SER A 13 -0.71 -0.08 -6.59
C SER A 13 -0.92 -1.39 -5.86
N CYS A 14 -1.71 -1.36 -4.79
CA CYS A 14 -2.03 -2.55 -4.03
C CYS A 14 -3.37 -3.14 -4.46
N SER A 15 -3.52 -4.45 -4.25
CA SER A 15 -4.76 -5.14 -4.61
C SER A 15 -5.73 -5.16 -3.45
N VAL A 16 -6.59 -4.14 -3.37
CA VAL A 16 -7.54 -4.01 -2.29
C VAL A 16 -8.95 -3.78 -2.82
N ASP A 17 -9.95 -4.02 -1.98
CA ASP A 17 -11.34 -3.82 -2.34
C ASP A 17 -11.68 -2.33 -2.44
N TRP A 18 -12.70 -2.01 -3.22
CA TRP A 18 -13.18 -0.65 -3.33
C TRP A 18 -13.74 -0.13 -2.01
N GLY A 19 -13.22 1.01 -1.55
CA GLY A 19 -13.63 1.57 -0.28
C GLY A 19 -12.53 1.43 0.76
N LYS A 20 -11.49 0.67 0.42
CA LYS A 20 -10.34 0.50 1.30
C LYS A 20 -9.39 1.69 1.19
N ALA A 21 -8.61 1.92 2.25
CA ALA A 21 -7.71 3.07 2.30
C ALA A 21 -6.58 2.92 1.29
N THR A 22 -6.20 4.05 0.69
CA THR A 22 -5.12 4.07 -0.29
C THR A 22 -3.89 4.77 0.25
N THR A 23 -3.89 5.05 1.54
CA THR A 23 -2.76 5.69 2.20
C THR A 23 -1.56 4.76 2.27
N CYS A 24 -1.83 3.46 2.30
CA CYS A 24 -0.79 2.46 2.18
C CYS A 24 -0.12 2.51 0.82
N ILE A 25 -0.94 2.65 -0.23
CA ILE A 25 -0.44 2.75 -1.59
C ILE A 25 0.47 3.95 -1.76
N ILE A 26 0.06 5.08 -1.19
CA ILE A 26 0.85 6.31 -1.23
C ILE A 26 2.20 6.11 -0.55
N ASN A 27 2.17 5.56 0.66
CA ASN A 27 3.38 5.33 1.43
C ASN A 27 4.28 4.31 0.76
N ASN A 28 3.67 3.27 0.19
CA ASN A 28 4.42 2.22 -0.48
C ASN A 28 5.07 2.74 -1.76
N GLY A 29 4.42 3.68 -2.42
CA GLY A 29 4.99 4.35 -3.57
C GLY A 29 6.27 5.09 -3.20
N ALA A 30 6.23 5.80 -2.09
CA ALA A 30 7.41 6.50 -1.57
C ALA A 30 8.51 5.50 -1.22
N LEU A 31 8.13 4.40 -0.59
CA LEU A 31 9.08 3.35 -0.23
C LEU A 31 9.70 2.72 -1.47
N ALA A 32 8.88 2.48 -2.49
CA ALA A 32 9.36 1.93 -3.74
C ALA A 32 10.39 2.84 -4.40
N TRP A 33 10.12 4.14 -4.37
CA TRP A 33 11.06 5.13 -4.88
C TRP A 33 12.36 5.11 -4.09
N ALA A 34 12.24 5.06 -2.76
CA ALA A 34 13.40 5.10 -1.89
C ALA A 34 14.30 3.90 -2.09
N THR A 35 13.69 2.73 -2.28
CA THR A 35 14.43 1.48 -2.41
C THR A 35 14.74 1.16 -3.86
N GLY A 36 14.01 1.80 -4.77
CA GLY A 36 14.21 1.60 -6.20
C GLY A 36 13.55 0.31 -6.68
N GLY A 37 12.42 -0.03 -6.05
CA GLY A 37 11.71 -1.25 -6.39
C GLY A 37 10.25 -0.97 -6.74
N HIS A 38 9.35 -1.75 -6.16
CA HIS A 38 7.92 -1.55 -6.37
C HIS A 38 7.12 -1.92 -5.13
N GLN A 39 5.82 -1.65 -5.17
CA GLN A 39 4.99 -1.68 -3.96
C GLN A 39 4.78 -3.12 -3.50
N GLY A 40 5.02 -4.08 -4.38
CA GLY A 40 4.85 -5.49 -4.06
C GLY A 40 5.90 -5.96 -3.06
N ASN A 41 6.95 -5.17 -2.91
CA ASN A 41 8.01 -5.48 -1.95
C ASN A 41 7.79 -4.72 -0.63
N HIS A 42 6.67 -4.02 -0.55
CA HIS A 42 6.37 -3.21 0.63
C HIS A 42 4.92 -3.41 1.07
N LYS A 43 4.62 -4.59 1.59
CA LYS A 43 3.28 -4.91 2.06
C LYS A 43 2.93 -4.10 3.30
N CYS A 44 1.76 -3.48 3.29
CA CYS A 44 1.38 -2.52 4.32
C CYS A 44 0.75 -3.21 5.53
N LYS A 1 0.00 -1.51 10.69
CA LYS A 1 -1.04 -0.62 11.19
C LYS A 1 -2.27 -0.67 10.30
N TYR A 2 -2.07 -0.45 9.01
CA TYR A 2 -3.18 -0.31 8.07
C TYR A 2 -3.58 -1.64 7.47
N TYR A 3 -2.59 -2.53 7.30
CA TYR A 3 -2.85 -3.88 6.81
C TYR A 3 -3.87 -4.59 7.69
N GLY A 4 -3.79 -4.38 8.98
CA GLY A 4 -4.62 -5.09 9.94
C GLY A 4 -6.04 -4.53 9.97
N ASN A 5 -6.26 -3.46 9.21
CA ASN A 5 -7.58 -2.86 9.10
C ASN A 5 -8.33 -3.36 7.88
N GLY A 6 -7.76 -4.36 7.21
CA GLY A 6 -8.40 -4.99 6.06
C GLY A 6 -7.80 -4.48 4.76
N VAL A 7 -6.48 -4.29 4.76
CA VAL A 7 -5.79 -3.79 3.58
C VAL A 7 -4.75 -4.80 3.09
N THR A 8 -4.74 -5.04 1.78
CA THR A 8 -3.81 -6.00 1.19
C THR A 8 -3.28 -5.51 -0.15
N CYS A 9 -2.07 -5.92 -0.49
CA CYS A 9 -1.42 -5.45 -1.70
C CYS A 9 -1.06 -6.62 -2.62
N GLY A 10 -0.75 -6.32 -3.87
CA GLY A 10 -0.35 -7.34 -4.83
C GLY A 10 1.17 -7.38 -4.98
N LYS A 11 1.63 -7.53 -6.21
CA LYS A 11 3.06 -7.68 -6.48
C LYS A 11 3.71 -6.34 -6.78
N HIS A 12 3.14 -5.59 -7.71
CA HIS A 12 3.71 -4.33 -8.15
C HIS A 12 2.86 -3.15 -7.73
N SER A 13 1.72 -3.44 -7.10
CA SER A 13 0.81 -2.40 -6.63
C SER A 13 -0.14 -2.94 -5.58
N CYS A 14 -0.75 -2.03 -4.82
CA CYS A 14 -1.72 -2.41 -3.79
C CYS A 14 -3.14 -2.38 -4.34
N SER A 15 -4.01 -3.18 -3.73
CA SER A 15 -5.39 -3.27 -4.17
C SER A 15 -6.34 -2.54 -3.23
N VAL A 16 -6.81 -1.38 -3.66
CA VAL A 16 -7.75 -0.58 -2.86
C VAL A 16 -9.00 -0.25 -3.64
N ASP A 17 -10.16 -0.55 -3.05
CA ASP A 17 -11.44 -0.28 -3.70
C ASP A 17 -11.77 1.22 -3.65
N TRP A 18 -12.53 1.67 -4.63
CA TRP A 18 -12.94 3.07 -4.69
C TRP A 18 -13.78 3.45 -3.48
N GLY A 19 -13.38 4.52 -2.79
CA GLY A 19 -14.06 4.96 -1.59
C GLY A 19 -13.26 4.62 -0.33
N LYS A 20 -12.27 3.75 -0.50
CA LYS A 20 -11.39 3.36 0.60
C LYS A 20 -10.11 4.18 0.60
N ALA A 21 -9.44 4.24 1.74
CA ALA A 21 -8.22 5.02 1.89
C ALA A 21 -7.08 4.41 1.06
N THR A 22 -6.28 5.29 0.46
CA THR A 22 -5.16 4.85 -0.36
C THR A 22 -3.83 5.17 0.31
N THR A 23 -3.81 5.10 1.64
CA THR A 23 -2.64 5.49 2.41
C THR A 23 -1.45 4.58 2.10
N CYS A 24 -1.71 3.27 2.07
CA CYS A 24 -0.66 2.30 1.82
C CYS A 24 -0.11 2.41 0.41
N ILE A 25 -0.98 2.77 -0.54
CA ILE A 25 -0.55 3.04 -1.90
C ILE A 25 0.44 4.19 -1.95
N ILE A 26 0.14 5.26 -1.23
CA ILE A 26 1.03 6.41 -1.15
C ILE A 26 2.35 6.05 -0.47
N ASN A 27 2.25 5.38 0.67
CA ASN A 27 3.42 5.08 1.49
C ASN A 27 4.32 4.06 0.79
N ASN A 28 3.72 2.97 0.31
CA ASN A 28 4.48 1.89 -0.32
C ASN A 28 5.08 2.35 -1.65
N GLY A 29 4.36 3.23 -2.35
CA GLY A 29 4.86 3.83 -3.58
C GLY A 29 6.10 4.67 -3.31
N ALA A 30 6.05 5.49 -2.28
CA ALA A 30 7.18 6.32 -1.90
C ALA A 30 8.36 5.45 -1.45
N LEU A 31 8.07 4.42 -0.69
CA LEU A 31 9.11 3.50 -0.22
C LEU A 31 9.72 2.71 -1.37
N ALA A 32 8.88 2.34 -2.33
CA ALA A 32 9.36 1.66 -3.53
C ALA A 32 10.32 2.53 -4.32
N TRP A 33 9.97 3.80 -4.47
CA TRP A 33 10.84 4.75 -5.15
C TRP A 33 12.15 4.94 -4.40
N ALA A 34 12.06 5.10 -3.08
CA ALA A 34 13.22 5.41 -2.27
C ALA A 34 14.19 4.24 -2.25
N THR A 35 13.66 3.03 -2.13
CA THR A 35 14.48 1.84 -1.97
C THR A 35 14.74 1.15 -3.31
N GLY A 36 13.91 1.47 -4.29
CA GLY A 36 14.01 0.84 -5.60
C GLY A 36 13.25 -0.48 -5.64
N GLY A 37 12.22 -0.59 -4.81
CA GLY A 37 11.45 -1.82 -4.71
C GLY A 37 10.15 -1.71 -5.50
N HIS A 38 9.11 -2.40 -5.04
CA HIS A 38 7.80 -2.38 -5.69
C HIS A 38 6.69 -2.15 -4.69
N GLN A 39 5.67 -1.41 -5.10
CA GLN A 39 4.53 -1.11 -4.24
C GLN A 39 3.82 -2.39 -3.81
N GLY A 40 3.61 -2.54 -2.51
CA GLY A 40 2.93 -3.71 -1.97
C GLY A 40 3.91 -4.65 -1.29
N ASN A 41 5.21 -4.36 -1.43
CA ASN A 41 6.24 -5.14 -0.77
C ASN A 41 6.86 -4.36 0.39
N HIS A 42 6.04 -3.52 1.02
CA HIS A 42 6.50 -2.69 2.13
C HIS A 42 5.52 -2.70 3.28
N LYS A 43 6.02 -2.49 4.49
CA LYS A 43 5.18 -2.52 5.68
C LYS A 43 4.25 -1.31 5.74
N CYS A 44 2.99 -1.55 6.04
CA CYS A 44 2.00 -0.48 6.16
C CYS A 44 0.93 -0.83 7.17
N LYS A 1 -1.20 -3.19 10.31
CA LYS A 1 -1.25 -2.07 11.24
C LYS A 1 -2.58 -1.33 11.15
N TYR A 2 -3.03 -1.07 9.93
CA TYR A 2 -4.25 -0.31 9.71
C TYR A 2 -5.38 -1.21 9.22
N TYR A 3 -5.21 -2.52 9.39
CA TYR A 3 -6.20 -3.49 8.95
C TYR A 3 -7.52 -3.29 9.69
N GLY A 4 -8.60 -3.14 8.92
CA GLY A 4 -9.93 -3.01 9.49
C GLY A 4 -10.36 -1.56 9.60
N ASN A 5 -9.45 -0.66 9.25
CA ASN A 5 -9.72 0.78 9.32
C ASN A 5 -10.17 1.31 7.96
N GLY A 6 -10.26 0.43 6.98
CA GLY A 6 -10.72 0.81 5.64
C GLY A 6 -9.55 1.00 4.69
N VAL A 7 -8.36 1.21 5.26
CA VAL A 7 -7.16 1.40 4.45
C VAL A 7 -6.05 0.44 4.87
N THR A 8 -5.85 -0.62 4.09
CA THR A 8 -4.87 -1.64 4.41
C THR A 8 -4.32 -2.29 3.14
N CYS A 9 -3.08 -2.78 3.23
CA CYS A 9 -2.48 -3.53 2.13
C CYS A 9 -2.04 -4.91 2.58
N GLY A 10 -2.08 -5.87 1.66
CA GLY A 10 -1.55 -7.20 1.92
C GLY A 10 -0.17 -7.37 1.30
N LYS A 11 0.24 -8.62 1.09
CA LYS A 11 1.52 -8.92 0.46
C LYS A 11 1.35 -9.22 -1.02
N HIS A 12 0.16 -8.95 -1.54
CA HIS A 12 -0.14 -9.21 -2.94
C HIS A 12 -0.83 -8.01 -3.59
N SER A 13 -1.76 -7.40 -2.86
CA SER A 13 -2.47 -6.23 -3.35
C SER A 13 -3.02 -5.41 -2.19
N CYS A 14 -3.39 -4.16 -2.48
CA CYS A 14 -3.95 -3.27 -1.46
C CYS A 14 -5.47 -3.25 -1.54
N SER A 15 -6.10 -2.91 -0.43
CA SER A 15 -7.56 -2.83 -0.36
C SER A 15 -8.01 -1.58 0.38
N VAL A 16 -8.51 -0.60 -0.37
CA VAL A 16 -9.00 0.64 0.20
C VAL A 16 -10.49 0.83 -0.06
N ASP A 17 -11.25 1.00 1.01
CA ASP A 17 -12.70 1.20 0.89
C ASP A 17 -13.02 2.53 0.22
N TRP A 18 -14.13 2.56 -0.51
CA TRP A 18 -14.55 3.77 -1.20
C TRP A 18 -14.85 4.90 -0.22
N GLY A 19 -14.22 6.04 -0.44
CA GLY A 19 -14.39 7.19 0.44
C GLY A 19 -13.21 7.31 1.40
N LYS A 20 -12.35 6.31 1.41
CA LYS A 20 -11.17 6.32 2.27
C LYS A 20 -9.93 6.72 1.50
N ALA A 21 -8.90 7.16 2.22
CA ALA A 21 -7.66 7.58 1.61
C ALA A 21 -6.81 6.38 1.20
N THR A 22 -5.96 6.57 0.20
CA THR A 22 -5.05 5.53 -0.26
C THR A 22 -3.66 5.68 0.36
N THR A 23 -3.64 5.91 1.67
CA THR A 23 -2.40 6.26 2.35
C THR A 23 -1.37 5.14 2.25
N CYS A 24 -1.82 3.91 2.50
CA CYS A 24 -0.94 2.75 2.45
C CYS A 24 -0.36 2.55 1.05
N ILE A 25 -1.19 2.76 0.04
CA ILE A 25 -0.74 2.67 -1.35
C ILE A 25 0.31 3.72 -1.65
N ILE A 26 0.07 4.94 -1.20
CA ILE A 26 1.03 6.03 -1.38
C ILE A 26 2.35 5.72 -0.68
N ASN A 27 2.26 5.21 0.55
CA ASN A 27 3.44 4.88 1.32
C ASN A 27 4.28 3.81 0.63
N ASN A 28 3.61 2.81 0.07
CA ASN A 28 4.28 1.74 -0.66
C ASN A 28 4.99 2.28 -1.89
N GLY A 29 4.35 3.23 -2.56
CA GLY A 29 4.96 3.92 -3.70
C GLY A 29 6.19 4.71 -3.25
N ALA A 30 6.06 5.42 -2.14
CA ALA A 30 7.17 6.19 -1.60
C ALA A 30 8.37 5.32 -1.28
N LEU A 31 8.09 4.14 -0.74
CA LEU A 31 9.15 3.17 -0.43
C LEU A 31 9.86 2.71 -1.69
N ALA A 32 9.09 2.49 -2.75
CA ALA A 32 9.65 2.10 -4.04
C ALA A 32 10.57 3.18 -4.59
N TRP A 33 10.21 4.43 -4.36
CA TRP A 33 11.02 5.56 -4.81
C TRP A 33 12.19 5.82 -3.85
N ALA A 34 11.98 5.48 -2.58
CA ALA A 34 12.99 5.74 -1.55
C ALA A 34 14.14 4.76 -1.66
N THR A 35 13.84 3.47 -1.50
CA THR A 35 14.89 2.45 -1.48
C THR A 35 14.63 1.39 -2.56
N GLY A 36 13.39 1.29 -2.99
CA GLY A 36 13.00 0.27 -3.98
C GLY A 36 12.12 -0.79 -3.34
N GLY A 37 11.26 -1.40 -4.16
CA GLY A 37 10.34 -2.43 -3.67
C GLY A 37 9.25 -2.71 -4.70
N HIS A 38 8.09 -3.16 -4.22
CA HIS A 38 6.99 -3.51 -5.09
C HIS A 38 5.67 -2.93 -4.57
N GLN A 39 5.32 -1.75 -5.08
CA GLN A 39 4.13 -1.05 -4.62
C GLN A 39 2.90 -1.94 -4.71
N GLY A 40 2.22 -2.14 -3.58
CA GLY A 40 1.01 -2.96 -3.55
C GLY A 40 1.29 -4.33 -2.94
N ASN A 41 2.57 -4.68 -2.83
CA ASN A 41 2.96 -5.98 -2.30
C ASN A 41 3.63 -5.84 -0.93
N HIS A 42 3.28 -4.77 -0.22
CA HIS A 42 3.82 -4.53 1.11
C HIS A 42 2.69 -4.35 2.12
N LYS A 43 2.66 -5.22 3.13
CA LYS A 43 1.57 -5.23 4.10
C LYS A 43 1.51 -3.92 4.88
N CYS A 44 0.31 -3.37 5.00
CA CYS A 44 0.12 -2.09 5.68
C CYS A 44 -1.11 -2.14 6.59
N LYS A 1 -2.04 -3.02 9.79
CA LYS A 1 -1.44 -2.63 11.05
C LYS A 1 -1.32 -1.11 11.16
N TYR A 2 -1.05 -0.46 10.03
CA TYR A 2 -0.92 0.99 10.01
C TYR A 2 -2.21 1.67 10.42
N TYR A 3 -3.31 1.29 9.77
CA TYR A 3 -4.62 1.85 10.09
C TYR A 3 -5.62 0.76 10.43
N GLY A 4 -6.00 -0.02 9.43
CA GLY A 4 -6.74 -1.25 9.65
C GLY A 4 -8.24 -1.01 9.76
N ASN A 5 -8.61 0.27 9.73
CA ASN A 5 -10.01 0.66 9.87
C ASN A 5 -10.57 1.16 8.54
N GLY A 6 -10.03 0.65 7.44
CA GLY A 6 -10.49 1.04 6.11
C GLY A 6 -9.31 1.19 5.15
N VAL A 7 -8.10 1.18 5.70
CA VAL A 7 -6.90 1.28 4.89
C VAL A 7 -5.88 0.22 5.30
N THR A 8 -5.60 -0.71 4.37
CA THR A 8 -4.58 -1.72 4.60
C THR A 8 -4.10 -2.31 3.28
N CYS A 9 -2.89 -2.85 3.28
CA CYS A 9 -2.36 -3.55 2.12
C CYS A 9 -1.96 -4.98 2.47
N GLY A 10 -2.12 -5.89 1.52
CA GLY A 10 -1.76 -7.28 1.72
C GLY A 10 -0.43 -7.62 1.05
N LYS A 11 -0.41 -8.72 0.31
CA LYS A 11 0.83 -9.22 -0.28
C LYS A 11 1.07 -8.64 -1.66
N HIS A 12 0.08 -8.81 -2.54
CA HIS A 12 0.22 -8.34 -3.92
C HIS A 12 -0.95 -7.43 -4.30
N SER A 13 -1.62 -6.88 -3.29
CA SER A 13 -2.74 -5.98 -3.52
C SER A 13 -3.08 -5.20 -2.25
N CYS A 14 -3.77 -4.08 -2.42
CA CYS A 14 -4.22 -3.27 -1.30
C CYS A 14 -5.74 -3.19 -1.25
N SER A 15 -6.26 -2.80 -0.08
CA SER A 15 -7.70 -2.68 0.10
C SER A 15 -8.05 -1.42 0.87
N VAL A 16 -8.61 -0.44 0.17
CA VAL A 16 -9.02 0.82 0.78
C VAL A 16 -10.51 1.07 0.60
N ASP A 17 -11.21 1.28 1.72
CA ASP A 17 -12.64 1.50 1.68
C ASP A 17 -12.98 2.89 1.13
N TRP A 18 -14.14 3.00 0.49
CA TRP A 18 -14.59 4.28 -0.05
C TRP A 18 -14.80 5.30 1.06
N GLY A 19 -14.20 6.48 0.89
CA GLY A 19 -14.24 7.52 1.90
C GLY A 19 -12.93 7.62 2.65
N LYS A 20 -12.11 6.57 2.55
CA LYS A 20 -10.79 6.56 3.17
C LYS A 20 -9.70 6.93 2.15
N ALA A 21 -8.64 7.55 2.64
CA ALA A 21 -7.51 7.92 1.78
C ALA A 21 -6.59 6.73 1.54
N THR A 22 -6.07 6.63 0.32
CA THR A 22 -5.18 5.54 -0.04
C THR A 22 -3.77 5.78 0.50
N THR A 23 -3.64 5.77 1.82
CA THR A 23 -2.39 6.15 2.47
C THR A 23 -1.33 5.07 2.31
N CYS A 24 -1.71 3.82 2.54
CA CYS A 24 -0.79 2.70 2.44
C CYS A 24 -0.27 2.53 1.03
N ILE A 25 -1.14 2.75 0.04
CA ILE A 25 -0.76 2.67 -1.35
C ILE A 25 0.27 3.75 -1.71
N ILE A 26 0.03 4.96 -1.24
CA ILE A 26 0.99 6.05 -1.40
C ILE A 26 2.32 5.71 -0.73
N ASN A 27 2.24 5.17 0.48
CA ASN A 27 3.44 4.80 1.22
C ASN A 27 4.25 3.75 0.48
N ASN A 28 3.55 2.79 -0.12
CA ASN A 28 4.21 1.75 -0.90
C ASN A 28 4.90 2.33 -2.12
N GLY A 29 4.29 3.32 -2.74
CA GLY A 29 4.90 4.04 -3.84
C GLY A 29 6.16 4.76 -3.39
N ALA A 30 6.06 5.48 -2.28
CA ALA A 30 7.20 6.20 -1.72
C ALA A 30 8.33 5.24 -1.35
N LEU A 31 7.96 4.09 -0.81
CA LEU A 31 8.93 3.05 -0.48
C LEU A 31 9.68 2.58 -1.72
N ALA A 32 8.94 2.31 -2.78
CA ALA A 32 9.53 1.90 -4.05
C ALA A 32 10.48 2.96 -4.58
N TRP A 33 10.15 4.23 -4.34
CA TRP A 33 10.98 5.34 -4.79
C TRP A 33 12.15 5.56 -3.85
N ALA A 34 11.96 5.26 -2.57
CA ALA A 34 12.98 5.52 -1.56
C ALA A 34 14.08 4.47 -1.60
N THR A 35 13.70 3.22 -1.35
CA THR A 35 14.67 2.15 -1.23
C THR A 35 14.53 1.12 -2.34
N GLY A 36 13.34 1.07 -2.94
CA GLY A 36 13.06 0.12 -4.00
C GLY A 36 11.95 -0.85 -3.59
N GLY A 37 11.25 -1.38 -4.60
CA GLY A 37 10.11 -2.27 -4.35
C GLY A 37 9.04 -2.09 -5.41
N HIS A 38 7.81 -2.46 -5.07
CA HIS A 38 6.70 -2.37 -6.01
C HIS A 38 5.43 -1.87 -5.31
N GLN A 39 4.87 -0.79 -5.82
CA GLN A 39 3.69 -0.18 -5.21
C GLN A 39 2.50 -1.13 -5.22
N GLY A 40 1.99 -1.45 -4.04
CA GLY A 40 0.83 -2.32 -3.92
C GLY A 40 1.24 -3.74 -3.56
N ASN A 41 2.56 -3.98 -3.53
CA ASN A 41 3.09 -5.30 -3.24
C ASN A 41 3.80 -5.33 -1.89
N HIS A 42 3.33 -4.51 -0.96
CA HIS A 42 3.89 -4.48 0.39
C HIS A 42 2.79 -4.37 1.43
N LYS A 43 2.94 -5.11 2.52
CA LYS A 43 1.93 -5.14 3.58
C LYS A 43 1.91 -3.82 4.34
N CYS A 44 0.71 -3.41 4.75
CA CYS A 44 0.54 -2.16 5.48
C CYS A 44 -0.59 -2.28 6.50
N LYS A 1 -3.86 -2.07 13.80
CA LYS A 1 -4.95 -1.09 13.80
C LYS A 1 -4.82 -0.12 12.64
N TYR A 2 -5.92 0.08 11.92
CA TYR A 2 -5.94 1.03 10.81
C TYR A 2 -7.01 2.10 11.01
N TYR A 3 -7.73 2.00 12.12
CA TYR A 3 -8.85 2.89 12.39
C TYR A 3 -8.37 4.30 12.72
N GLY A 4 -9.03 5.30 12.14
CA GLY A 4 -8.53 6.67 12.17
C GLY A 4 -7.93 7.07 10.82
N ASN A 5 -7.41 6.07 10.11
CA ASN A 5 -6.94 6.28 8.74
C ASN A 5 -7.96 5.79 7.72
N GLY A 6 -8.48 4.59 7.96
CA GLY A 6 -9.53 4.04 7.11
C GLY A 6 -8.93 3.34 5.90
N VAL A 7 -7.69 2.89 6.03
CA VAL A 7 -7.00 2.20 4.95
C VAL A 7 -6.00 1.18 5.48
N THR A 8 -5.97 0.00 4.86
CA THR A 8 -5.05 -1.05 5.27
C THR A 8 -4.69 -1.95 4.10
N CYS A 9 -3.47 -2.50 4.13
CA CYS A 9 -3.02 -3.42 3.09
C CYS A 9 -2.54 -4.74 3.68
N GLY A 10 -2.70 -5.81 2.93
CA GLY A 10 -2.22 -7.12 3.35
C GLY A 10 -0.97 -7.52 2.57
N LYS A 11 -0.96 -8.76 2.09
CA LYS A 11 0.17 -9.27 1.32
C LYS A 11 0.16 -8.72 -0.10
N HIS A 12 -0.97 -8.88 -0.78
CA HIS A 12 -1.09 -8.46 -2.17
C HIS A 12 -2.47 -7.87 -2.45
N SER A 13 -2.97 -7.10 -1.49
CA SER A 13 -4.26 -6.42 -1.66
C SER A 13 -4.41 -5.29 -0.64
N CYS A 14 -5.22 -4.30 -0.99
CA CYS A 14 -5.49 -3.18 -0.09
C CYS A 14 -6.97 -2.87 -0.02
N SER A 15 -7.38 -2.21 1.06
CA SER A 15 -8.77 -1.80 1.23
C SER A 15 -8.86 -0.44 1.90
N VAL A 16 -9.83 0.37 1.45
CA VAL A 16 -9.97 1.74 1.93
C VAL A 16 -11.43 2.14 2.04
N ASP A 17 -11.77 2.84 3.11
CA ASP A 17 -13.14 3.31 3.30
C ASP A 17 -13.46 4.49 2.38
N TRP A 18 -14.72 4.61 2.00
CA TRP A 18 -15.15 5.68 1.11
C TRP A 18 -14.94 7.04 1.74
N GLY A 19 -14.22 7.92 1.03
CA GLY A 19 -13.93 9.25 1.53
C GLY A 19 -12.53 9.33 2.10
N LYS A 20 -11.89 8.17 2.26
CA LYS A 20 -10.53 8.11 2.80
C LYS A 20 -9.51 7.92 1.68
N ALA A 21 -8.30 8.43 1.91
CA ALA A 21 -7.23 8.31 0.92
C ALA A 21 -6.43 7.03 1.13
N THR A 22 -5.98 6.44 0.03
CA THR A 22 -5.16 5.23 0.09
C THR A 22 -3.73 5.56 0.48
N THR A 23 -3.54 5.98 1.73
CA THR A 23 -2.23 6.45 2.19
C THR A 23 -1.25 5.29 2.33
N CYS A 24 -1.77 4.09 2.51
CA CYS A 24 -0.95 2.89 2.56
C CYS A 24 -0.27 2.62 1.22
N ILE A 25 -1.05 2.69 0.16
CA ILE A 25 -0.52 2.52 -1.20
C ILE A 25 0.46 3.64 -1.54
N ILE A 26 0.12 4.87 -1.13
CA ILE A 26 1.01 6.00 -1.34
C ILE A 26 2.35 5.79 -0.64
N ASN A 27 2.29 5.32 0.61
CA ASN A 27 3.50 5.05 1.37
C ASN A 27 4.32 3.93 0.72
N ASN A 28 3.63 2.91 0.24
CA ASN A 28 4.29 1.81 -0.46
C ASN A 28 4.99 2.30 -1.72
N GLY A 29 4.35 3.23 -2.43
CA GLY A 29 4.95 3.85 -3.60
C GLY A 29 6.18 4.65 -3.22
N ALA A 30 6.07 5.43 -2.15
CA ALA A 30 7.19 6.22 -1.65
C ALA A 30 8.39 5.34 -1.29
N LEU A 31 8.10 4.20 -0.67
CA LEU A 31 9.15 3.23 -0.33
C LEU A 31 9.79 2.65 -1.58
N ALA A 32 8.96 2.38 -2.60
CA ALA A 32 9.46 1.91 -3.88
C ALA A 32 10.35 2.94 -4.55
N TRP A 33 10.04 4.21 -4.33
CA TRP A 33 10.83 5.30 -4.89
C TRP A 33 12.08 5.56 -4.04
N ALA A 34 11.98 5.30 -2.75
CA ALA A 34 13.08 5.55 -1.82
C ALA A 34 14.16 4.50 -1.96
N THR A 35 13.82 3.26 -1.67
CA THR A 35 14.79 2.18 -1.63
C THR A 35 14.46 1.08 -2.63
N GLY A 36 13.19 1.00 -3.00
CA GLY A 36 12.72 -0.03 -3.92
C GLY A 36 11.73 -0.97 -3.23
N GLY A 37 10.74 -1.43 -3.99
CA GLY A 37 9.70 -2.29 -3.44
C GLY A 37 8.55 -2.45 -4.42
N HIS A 38 7.43 -2.99 -3.94
CA HIS A 38 6.27 -3.24 -4.79
C HIS A 38 5.07 -2.44 -4.30
N GLN A 39 4.77 -1.35 -5.00
CA GLN A 39 3.68 -0.47 -4.61
C GLN A 39 2.35 -1.21 -4.56
N GLY A 40 1.74 -1.23 -3.38
CA GLY A 40 0.43 -1.85 -3.20
C GLY A 40 0.57 -3.33 -2.83
N ASN A 41 1.80 -3.75 -2.56
CA ASN A 41 2.06 -5.15 -2.21
C ASN A 41 2.89 -5.24 -0.93
N HIS A 42 2.57 -4.39 0.04
CA HIS A 42 3.19 -4.46 1.35
C HIS A 42 2.18 -4.22 2.45
N LYS A 43 2.34 -4.93 3.56
CA LYS A 43 1.38 -4.87 4.66
C LYS A 43 1.36 -3.47 5.28
N CYS A 44 0.16 -2.95 5.52
CA CYS A 44 -0.01 -1.63 6.09
C CYS A 44 -1.13 -1.60 7.13
N LYS A 1 -8.15 -5.69 4.80
CA LYS A 1 -8.02 -7.11 4.51
C LYS A 1 -6.84 -7.72 5.24
N TYR A 2 -5.65 -7.15 5.03
CA TYR A 2 -4.44 -7.63 5.68
C TYR A 2 -3.66 -6.48 6.32
N TYR A 3 -3.71 -5.32 5.69
CA TYR A 3 -2.99 -4.15 6.17
C TYR A 3 -3.92 -3.21 6.95
N GLY A 4 -5.14 -3.06 6.45
CA GLY A 4 -6.11 -2.17 7.08
C GLY A 4 -7.51 -2.46 6.60
N ASN A 5 -8.43 -1.51 6.82
CA ASN A 5 -9.83 -1.71 6.52
C ASN A 5 -10.09 -1.70 5.02
N GLY A 6 -10.02 -2.89 4.41
CA GLY A 6 -10.18 -3.01 2.96
C GLY A 6 -8.87 -2.74 2.23
N VAL A 7 -7.77 -2.84 2.96
CA VAL A 7 -6.46 -2.51 2.40
C VAL A 7 -5.53 -3.72 2.43
N THR A 8 -4.94 -4.03 1.28
CA THR A 8 -3.84 -4.99 1.22
C THR A 8 -2.98 -4.76 -0.02
N CYS A 9 -2.07 -5.69 -0.28
CA CYS A 9 -1.27 -5.66 -1.49
C CYS A 9 -1.05 -7.06 -2.05
N GLY A 10 -0.78 -7.14 -3.35
CA GLY A 10 -0.50 -8.43 -3.99
C GLY A 10 0.99 -8.60 -4.24
N LYS A 11 1.34 -9.08 -5.43
CA LYS A 11 2.73 -9.37 -5.77
C LYS A 11 3.37 -8.19 -6.50
N HIS A 12 2.78 -7.79 -7.61
CA HIS A 12 3.34 -6.74 -8.44
C HIS A 12 2.51 -5.46 -8.36
N SER A 13 1.56 -5.45 -7.43
CA SER A 13 0.70 -4.28 -7.24
C SER A 13 -0.09 -4.39 -5.94
N CYS A 14 -0.75 -3.31 -5.56
CA CYS A 14 -1.58 -3.29 -4.36
C CYS A 14 -3.06 -3.20 -4.72
N SER A 15 -3.92 -3.46 -3.74
CA SER A 15 -5.35 -3.48 -3.96
C SER A 15 -6.11 -2.95 -2.76
N VAL A 16 -6.87 -1.88 -2.98
CA VAL A 16 -7.71 -1.30 -1.92
C VAL A 16 -9.15 -1.18 -2.37
N ASP A 17 -10.07 -1.57 -1.49
CA ASP A 17 -11.49 -1.53 -1.81
C ASP A 17 -11.97 -0.10 -2.02
N TRP A 18 -12.90 0.08 -2.95
CA TRP A 18 -13.42 1.39 -3.28
C TRP A 18 -14.12 2.03 -2.08
N GLY A 19 -13.73 3.25 -1.74
CA GLY A 19 -14.31 3.96 -0.61
C GLY A 19 -13.38 3.91 0.59
N LYS A 20 -12.33 3.10 0.50
CA LYS A 20 -11.36 2.97 1.58
C LYS A 20 -10.11 3.80 1.30
N ALA A 21 -9.36 4.11 2.36
CA ALA A 21 -8.17 4.93 2.24
C ALA A 21 -7.06 4.19 1.49
N THR A 22 -6.32 4.93 0.66
CA THR A 22 -5.22 4.35 -0.10
C THR A 22 -3.89 4.90 0.36
N THR A 23 -3.79 5.24 1.64
CA THR A 23 -2.58 5.81 2.20
C THR A 23 -1.46 4.77 2.26
N CYS A 24 -1.85 3.51 2.33
CA CYS A 24 -0.89 2.40 2.24
C CYS A 24 -0.19 2.40 0.90
N ILE A 25 -0.99 2.50 -0.18
CA ILE A 25 -0.44 2.56 -1.52
C ILE A 25 0.49 3.75 -1.69
N ILE A 26 0.07 4.90 -1.16
CA ILE A 26 0.87 6.12 -1.22
C ILE A 26 2.22 5.93 -0.54
N ASN A 27 2.19 5.38 0.67
CA ASN A 27 3.40 5.14 1.44
C ASN A 27 4.29 4.12 0.75
N ASN A 28 3.69 3.06 0.22
CA ASN A 28 4.43 2.01 -0.47
C ASN A 28 5.07 2.54 -1.75
N GLY A 29 4.38 3.46 -2.41
CA GLY A 29 4.93 4.12 -3.60
C GLY A 29 6.18 4.91 -3.26
N ALA A 30 6.11 5.71 -2.19
CA ALA A 30 7.26 6.48 -1.73
C ALA A 30 8.41 5.56 -1.32
N LEU A 31 8.09 4.48 -0.61
CA LEU A 31 9.09 3.51 -0.21
C LEU A 31 9.71 2.82 -1.40
N ALA A 32 8.88 2.50 -2.40
CA ALA A 32 9.36 1.87 -3.62
C ALA A 32 10.34 2.78 -4.36
N TRP A 33 10.04 4.07 -4.37
CA TRP A 33 10.92 5.05 -5.00
C TRP A 33 12.25 5.16 -4.25
N ALA A 34 12.18 5.10 -2.93
CA ALA A 34 13.38 5.22 -2.09
C ALA A 34 14.26 3.98 -2.23
N THR A 35 13.63 2.81 -2.27
CA THR A 35 14.37 1.55 -2.25
C THR A 35 14.64 1.04 -3.66
N GLY A 36 13.86 1.55 -4.62
CA GLY A 36 13.98 1.11 -6.00
C GLY A 36 13.20 -0.18 -6.25
N GLY A 37 12.08 -0.32 -5.56
CA GLY A 37 11.26 -1.52 -5.66
C GLY A 37 10.04 -1.28 -6.54
N HIS A 38 8.88 -1.73 -6.07
CA HIS A 38 7.63 -1.56 -6.82
C HIS A 38 6.43 -1.61 -5.88
N GLN A 39 5.27 -1.25 -6.41
CA GLN A 39 4.04 -1.25 -5.62
C GLN A 39 3.70 -2.65 -5.15
N GLY A 40 3.63 -2.83 -3.83
CA GLY A 40 3.32 -4.12 -3.23
C GLY A 40 4.57 -4.82 -2.74
N ASN A 41 5.70 -4.11 -2.82
CA ASN A 41 6.96 -4.64 -2.32
C ASN A 41 7.23 -4.18 -0.90
N HIS A 42 6.26 -3.51 -0.31
CA HIS A 42 6.38 -3.02 1.06
C HIS A 42 5.10 -3.24 1.85
N LYS A 43 5.22 -3.43 3.16
CA LYS A 43 4.08 -3.72 4.01
C LYS A 43 3.60 -2.46 4.73
N CYS A 44 2.33 -2.47 5.14
CA CYS A 44 1.78 -1.36 5.91
C CYS A 44 1.30 -1.84 7.28
N LYS A 1 3.40 -1.39 9.99
CA LYS A 1 4.49 -0.79 9.21
C LYS A 1 4.08 0.56 8.65
N TYR A 2 3.15 0.55 7.71
CA TYR A 2 2.73 1.78 7.03
C TYR A 2 1.22 1.95 7.10
N TYR A 3 0.62 1.45 8.18
CA TYR A 3 -0.83 1.49 8.33
C TYR A 3 -1.35 2.92 8.30
N GLY A 4 -2.35 3.17 7.46
CA GLY A 4 -2.94 4.48 7.35
C GLY A 4 -4.36 4.51 7.91
N ASN A 5 -5.08 5.61 7.67
CA ASN A 5 -6.41 5.79 8.24
C ASN A 5 -7.42 4.83 7.60
N GLY A 6 -7.48 3.62 8.13
CA GLY A 6 -8.46 2.63 7.67
C GLY A 6 -7.97 1.93 6.40
N VAL A 7 -6.67 1.79 6.28
CA VAL A 7 -6.07 1.12 5.12
C VAL A 7 -4.81 0.35 5.50
N THR A 8 -4.68 -0.86 4.98
CA THR A 8 -3.54 -1.71 5.30
C THR A 8 -3.13 -2.56 4.10
N CYS A 9 -2.18 -3.46 4.32
CA CYS A 9 -1.79 -4.43 3.30
C CYS A 9 -1.02 -5.59 3.91
N GLY A 10 -1.35 -6.80 3.48
CA GLY A 10 -0.70 -8.00 3.99
C GLY A 10 0.49 -8.41 3.13
N LYS A 11 0.62 -9.71 2.88
CA LYS A 11 1.77 -10.24 2.16
C LYS A 11 1.50 -10.31 0.67
N HIS A 12 0.39 -10.93 0.29
CA HIS A 12 0.10 -11.22 -1.10
C HIS A 12 -1.08 -10.40 -1.60
N SER A 13 -1.61 -9.54 -0.74
CA SER A 13 -2.76 -8.72 -1.09
C SER A 13 -2.90 -7.54 -0.14
N CYS A 14 -3.58 -6.50 -0.59
CA CYS A 14 -3.84 -5.32 0.24
C CYS A 14 -5.32 -5.17 0.54
N SER A 15 -5.65 -4.31 1.50
CA SER A 15 -7.03 -4.11 1.91
C SER A 15 -7.28 -2.68 2.36
N VAL A 16 -8.43 -2.14 1.99
CA VAL A 16 -8.78 -0.77 2.36
C VAL A 16 -10.28 -0.63 2.64
N ASP A 17 -10.60 0.09 3.69
CA ASP A 17 -12.00 0.31 4.07
C ASP A 17 -12.69 1.27 3.11
N TRP A 18 -13.98 1.03 2.87
CA TRP A 18 -14.75 1.87 1.95
C TRP A 18 -14.88 3.29 2.47
N GLY A 19 -14.49 4.25 1.65
CA GLY A 19 -14.57 5.65 2.02
C GLY A 19 -13.21 6.18 2.47
N LYS A 20 -12.25 5.28 2.62
CA LYS A 20 -10.91 5.64 3.06
C LYS A 20 -9.95 5.73 1.87
N ALA A 21 -8.99 6.65 1.95
CA ALA A 21 -7.98 6.78 0.91
C ALA A 21 -6.89 5.75 1.06
N THR A 22 -6.33 5.32 -0.07
CA THR A 22 -5.30 4.28 -0.07
C THR A 22 -3.95 4.86 0.36
N THR A 23 -3.85 5.22 1.63
CA THR A 23 -2.61 5.76 2.17
C THR A 23 -1.49 4.72 2.13
N CYS A 24 -1.86 3.46 2.34
CA CYS A 24 -0.90 2.36 2.23
C CYS A 24 -0.13 2.44 0.91
N ILE A 25 -0.86 2.50 -0.19
CA ILE A 25 -0.24 2.56 -1.51
C ILE A 25 0.63 3.80 -1.66
N ILE A 26 0.15 4.92 -1.13
CA ILE A 26 0.91 6.16 -1.13
C ILE A 26 2.23 6.00 -0.40
N ASN A 27 2.18 5.38 0.78
CA ASN A 27 3.37 5.10 1.56
C ASN A 27 4.29 4.12 0.84
N ASN A 28 3.68 3.14 0.17
CA ASN A 28 4.44 2.15 -0.59
C ASN A 28 5.07 2.76 -1.83
N GLY A 29 4.43 3.81 -2.36
CA GLY A 29 4.98 4.55 -3.47
C GLY A 29 6.28 5.25 -3.10
N ALA A 30 6.26 5.92 -1.96
CA ALA A 30 7.47 6.57 -1.43
C ALA A 30 8.54 5.54 -1.11
N LEU A 31 8.13 4.44 -0.49
CA LEU A 31 9.05 3.34 -0.19
C LEU A 31 9.66 2.77 -1.46
N ALA A 32 8.81 2.49 -2.45
CA ALA A 32 9.26 1.91 -3.70
C ALA A 32 10.25 2.84 -4.41
N TRP A 33 9.95 4.14 -4.40
CA TRP A 33 10.83 5.13 -4.99
C TRP A 33 12.19 5.15 -4.32
N ALA A 34 12.19 5.14 -3.00
CA ALA A 34 13.42 5.28 -2.23
C ALA A 34 14.29 4.03 -2.35
N THR A 35 13.65 2.87 -2.27
CA THR A 35 14.39 1.61 -2.16
C THR A 35 14.47 0.91 -3.52
N GLY A 36 13.61 1.30 -4.44
CA GLY A 36 13.53 0.64 -5.74
C GLY A 36 12.69 -0.62 -5.68
N GLY A 37 11.56 -0.55 -4.97
CA GLY A 37 10.73 -1.72 -4.73
C GLY A 37 9.53 -1.73 -5.68
N HIS A 38 8.36 -2.05 -5.12
CA HIS A 38 7.15 -2.20 -5.92
C HIS A 38 6.05 -1.28 -5.42
N GLN A 39 5.59 -0.38 -6.29
CA GLN A 39 4.62 0.64 -5.90
C GLN A 39 3.28 0.02 -5.52
N GLY A 40 2.95 0.10 -4.23
CA GLY A 40 1.65 -0.34 -3.75
C GLY A 40 1.62 -1.85 -3.52
N ASN A 41 2.81 -2.44 -3.37
CA ASN A 41 2.92 -3.87 -3.16
C ASN A 41 3.85 -4.19 -2.00
N HIS A 42 3.63 -3.51 -0.88
CA HIS A 42 4.38 -3.79 0.34
C HIS A 42 3.47 -3.79 1.56
N LYS A 43 3.83 -4.57 2.57
CA LYS A 43 3.01 -4.71 3.77
C LYS A 43 2.87 -3.38 4.49
N CYS A 44 1.63 -3.05 4.85
CA CYS A 44 1.35 -1.82 5.58
C CYS A 44 0.77 -2.12 6.96
N LYS A 1 -2.81 -1.09 9.38
CA LYS A 1 -2.41 0.20 9.93
C LYS A 1 -3.61 1.11 10.12
N TYR A 2 -4.31 1.40 9.03
CA TYR A 2 -5.47 2.29 9.07
C TYR A 2 -6.76 1.52 8.78
N TYR A 3 -6.84 0.30 9.31
CA TYR A 3 -8.00 -0.55 9.06
C TYR A 3 -9.30 0.16 9.41
N GLY A 4 -9.28 0.87 10.53
CA GLY A 4 -10.49 1.55 11.01
C GLY A 4 -10.90 2.67 10.08
N ASN A 5 -9.97 3.11 9.23
CA ASN A 5 -10.24 4.17 8.27
C ASN A 5 -10.55 3.60 6.89
N GLY A 6 -10.59 2.26 6.81
CA GLY A 6 -10.92 1.60 5.55
C GLY A 6 -9.73 1.58 4.61
N VAL A 7 -8.53 1.66 5.18
CA VAL A 7 -7.30 1.67 4.38
C VAL A 7 -6.30 0.65 4.90
N THR A 8 -6.17 -0.45 4.18
CA THR A 8 -5.19 -1.48 4.53
C THR A 8 -4.77 -2.27 3.30
N CYS A 9 -3.50 -2.70 3.28
CA CYS A 9 -2.95 -3.42 2.14
C CYS A 9 -2.55 -4.83 2.52
N GLY A 10 -2.69 -5.76 1.58
CA GLY A 10 -2.31 -7.15 1.81
C GLY A 10 -0.99 -7.49 1.12
N LYS A 11 -0.93 -8.66 0.51
CA LYS A 11 0.29 -9.14 -0.13
C LYS A 11 0.31 -8.80 -1.61
N HIS A 12 -0.69 -9.31 -2.34
CA HIS A 12 -0.74 -9.14 -3.78
C HIS A 12 -1.82 -8.12 -4.17
N SER A 13 -2.33 -7.40 -3.18
CA SER A 13 -3.36 -6.39 -3.42
C SER A 13 -3.54 -5.50 -2.20
N CYS A 14 -4.35 -4.45 -2.36
CA CYS A 14 -4.63 -3.53 -1.27
C CYS A 14 -6.10 -3.11 -1.27
N SER A 15 -6.70 -3.12 -0.09
CA SER A 15 -8.12 -2.84 0.05
C SER A 15 -8.37 -1.45 0.63
N VAL A 16 -8.81 -0.54 -0.21
CA VAL A 16 -9.18 0.81 0.24
C VAL A 16 -10.63 1.12 -0.07
N ASP A 17 -11.38 1.50 0.95
CA ASP A 17 -12.80 1.81 0.79
C ASP A 17 -13.00 3.05 -0.06
N TRP A 18 -14.07 3.06 -0.85
CA TRP A 18 -14.38 4.18 -1.72
C TRP A 18 -14.65 5.45 -0.92
N GLY A 19 -13.93 6.52 -1.25
CA GLY A 19 -14.07 7.78 -0.53
C GLY A 19 -12.92 7.98 0.44
N LYS A 20 -12.14 6.92 0.67
CA LYS A 20 -11.00 6.99 1.56
C LYS A 20 -9.70 7.18 0.78
N ALA A 21 -8.74 7.88 1.38
CA ALA A 21 -7.46 8.13 0.75
C ALA A 21 -6.58 6.89 0.77
N THR A 22 -5.93 6.62 -0.36
CA THR A 22 -5.05 5.45 -0.48
C THR A 22 -3.72 5.69 0.22
N THR A 23 -3.76 5.81 1.53
CA THR A 23 -2.59 6.22 2.30
C THR A 23 -1.49 5.17 2.25
N CYS A 24 -1.88 3.91 2.44
CA CYS A 24 -0.93 2.81 2.48
C CYS A 24 -0.26 2.62 1.12
N ILE A 25 -1.05 2.76 0.05
CA ILE A 25 -0.53 2.64 -1.31
C ILE A 25 0.47 3.75 -1.62
N ILE A 26 0.14 4.97 -1.21
CA ILE A 26 1.05 6.10 -1.35
C ILE A 26 2.36 5.85 -0.60
N ASN A 27 2.25 5.33 0.61
CA ASN A 27 3.42 4.99 1.41
C ASN A 27 4.27 3.94 0.72
N ASN A 28 3.62 2.95 0.11
CA ASN A 28 4.31 1.92 -0.65
C ASN A 28 5.01 2.52 -1.86
N GLY A 29 4.37 3.51 -2.48
CA GLY A 29 4.98 4.22 -3.60
C GLY A 29 6.22 5.00 -3.15
N ALA A 30 6.13 5.61 -1.97
CA ALA A 30 7.25 6.33 -1.40
C ALA A 30 8.42 5.38 -1.12
N LEU A 31 8.11 4.18 -0.64
CA LEU A 31 9.12 3.16 -0.41
C LEU A 31 9.75 2.71 -1.72
N ALA A 32 8.93 2.58 -2.75
CA ALA A 32 9.42 2.24 -4.08
C ALA A 32 10.36 3.32 -4.62
N TRP A 33 10.02 4.58 -4.36
CA TRP A 33 10.88 5.70 -4.72
C TRP A 33 12.18 5.67 -3.93
N ALA A 34 12.08 5.38 -2.64
CA ALA A 34 13.22 5.47 -1.75
C ALA A 34 14.21 4.35 -2.00
N THR A 35 13.76 3.11 -1.81
CA THR A 35 14.65 1.96 -1.86
C THR A 35 14.27 1.02 -2.99
N GLY A 36 13.00 1.05 -3.37
CA GLY A 36 12.49 0.15 -4.41
C GLY A 36 11.48 -0.84 -3.84
N GLY A 37 10.46 -1.16 -4.63
CA GLY A 37 9.39 -2.04 -4.19
C GLY A 37 8.22 -2.02 -5.15
N HIS A 38 7.09 -2.57 -4.71
CA HIS A 38 5.90 -2.64 -5.55
C HIS A 38 4.76 -1.83 -4.95
N GLN A 39 4.50 -0.66 -5.54
CA GLN A 39 3.47 0.24 -5.02
C GLN A 39 2.12 -0.44 -4.98
N GLY A 40 1.55 -0.54 -3.78
CA GLY A 40 0.21 -1.09 -3.61
C GLY A 40 0.25 -2.60 -3.41
N ASN A 41 1.46 -3.14 -3.27
CA ASN A 41 1.65 -4.57 -3.10
C ASN A 41 2.55 -4.88 -1.92
N HIS A 42 2.34 -4.16 -0.82
CA HIS A 42 3.01 -4.47 0.44
C HIS A 42 2.05 -4.33 1.62
N LYS A 43 2.19 -5.21 2.60
CA LYS A 43 1.26 -5.26 3.72
C LYS A 43 1.29 -3.95 4.52
N CYS A 44 0.11 -3.44 4.85
CA CYS A 44 -0.01 -2.20 5.59
C CYS A 44 -1.14 -2.27 6.60
N LYS A 1 -7.35 -10.28 1.28
CA LYS A 1 -6.54 -9.07 1.21
C LYS A 1 -5.14 -9.31 1.77
N TYR A 2 -4.20 -8.46 1.37
CA TYR A 2 -2.81 -8.60 1.82
C TYR A 2 -2.67 -8.18 3.28
N TYR A 3 -3.29 -7.07 3.63
CA TYR A 3 -3.18 -6.53 4.98
C TYR A 3 -4.39 -6.89 5.83
N GLY A 4 -5.51 -7.15 5.17
CA GLY A 4 -6.74 -7.54 5.85
C GLY A 4 -7.60 -6.32 6.15
N ASN A 5 -7.17 -5.16 5.68
CA ASN A 5 -7.88 -3.91 5.92
C ASN A 5 -8.52 -3.39 4.64
N GLY A 6 -8.81 -4.30 3.71
CA GLY A 6 -9.38 -3.93 2.43
C GLY A 6 -8.30 -3.55 1.43
N VAL A 7 -7.04 -3.83 1.79
CA VAL A 7 -5.91 -3.47 0.96
C VAL A 7 -5.14 -4.71 0.50
N THR A 8 -4.84 -4.77 -0.80
CA THR A 8 -4.08 -5.87 -1.35
C THR A 8 -3.09 -5.39 -2.41
N CYS A 9 -1.94 -6.04 -2.48
CA CYS A 9 -0.88 -5.61 -3.38
C CYS A 9 -0.57 -6.68 -4.42
N GLY A 10 -0.22 -6.25 -5.62
CA GLY A 10 0.19 -7.17 -6.68
C GLY A 10 1.70 -7.19 -6.84
N LYS A 11 2.15 -7.06 -8.09
CA LYS A 11 3.57 -7.11 -8.40
C LYS A 11 4.19 -5.72 -8.43
N HIS A 12 3.59 -4.82 -9.20
CA HIS A 12 4.16 -3.51 -9.45
C HIS A 12 3.31 -2.40 -8.85
N SER A 13 2.16 -2.78 -8.30
CA SER A 13 1.20 -1.81 -7.78
C SER A 13 0.31 -2.44 -6.72
N CYS A 14 -0.30 -1.59 -5.89
CA CYS A 14 -1.28 -2.04 -4.92
C CYS A 14 -2.66 -1.50 -5.22
N SER A 15 -3.67 -2.08 -4.58
CA SER A 15 -5.05 -1.70 -4.82
C SER A 15 -5.89 -1.78 -3.54
N VAL A 16 -6.92 -0.94 -3.47
CA VAL A 16 -7.77 -0.88 -2.28
C VAL A 16 -9.24 -0.79 -2.66
N ASP A 17 -10.10 -1.38 -1.84
CA ASP A 17 -11.53 -1.33 -2.06
C ASP A 17 -12.03 0.11 -2.11
N TRP A 18 -12.94 0.39 -3.04
CA TRP A 18 -13.44 1.74 -3.24
C TRP A 18 -14.14 2.27 -1.99
N GLY A 19 -13.79 3.48 -1.59
CA GLY A 19 -14.35 4.08 -0.39
C GLY A 19 -13.34 4.12 0.74
N LYS A 20 -12.26 3.36 0.59
CA LYS A 20 -11.20 3.32 1.59
C LYS A 20 -10.02 4.19 1.18
N ALA A 21 -9.16 4.51 2.15
CA ALA A 21 -8.04 5.42 1.91
C ALA A 21 -6.93 4.73 1.14
N THR A 22 -6.14 5.51 0.42
CA THR A 22 -5.01 4.98 -0.33
C THR A 22 -3.69 5.33 0.33
N THR A 23 -3.75 5.71 1.60
CA THR A 23 -2.58 6.16 2.33
C THR A 23 -1.47 5.10 2.32
N CYS A 24 -1.86 3.86 2.61
CA CYS A 24 -0.92 2.75 2.61
C CYS A 24 -0.29 2.55 1.23
N ILE A 25 -1.15 2.60 0.20
CA ILE A 25 -0.68 2.47 -1.17
C ILE A 25 0.35 3.54 -1.51
N ILE A 26 0.07 4.78 -1.12
CA ILE A 26 0.98 5.89 -1.34
C ILE A 26 2.31 5.66 -0.62
N ASN A 27 2.22 5.23 0.63
CA ASN A 27 3.41 4.97 1.44
C ASN A 27 4.29 3.90 0.79
N ASN A 28 3.66 2.86 0.28
CA ASN A 28 4.38 1.79 -0.40
C ASN A 28 5.07 2.29 -1.66
N GLY A 29 4.38 3.17 -2.38
CA GLY A 29 4.96 3.82 -3.56
C GLY A 29 6.18 4.64 -3.19
N ALA A 30 6.06 5.43 -2.13
CA ALA A 30 7.16 6.26 -1.66
C ALA A 30 8.36 5.42 -1.26
N LEU A 31 8.10 4.31 -0.58
CA LEU A 31 9.15 3.39 -0.17
C LEU A 31 9.81 2.73 -1.38
N ALA A 32 9.00 2.40 -2.38
CA ALA A 32 9.50 1.86 -3.63
C ALA A 32 10.41 2.85 -4.34
N TRP A 33 10.03 4.13 -4.32
CA TRP A 33 10.82 5.18 -4.93
C TRP A 33 12.13 5.40 -4.17
N ALA A 34 12.05 5.32 -2.84
CA ALA A 34 13.22 5.54 -1.99
C ALA A 34 14.23 4.42 -2.16
N THR A 35 13.74 3.19 -2.24
CA THR A 35 14.61 2.02 -2.30
C THR A 35 14.89 1.60 -3.73
N GLY A 36 14.05 2.06 -4.65
CA GLY A 36 14.18 1.71 -6.06
C GLY A 36 13.55 0.36 -6.35
N GLY A 37 12.53 0.01 -5.58
CA GLY A 37 11.86 -1.28 -5.73
C GLY A 37 10.53 -1.12 -6.48
N HIS A 38 9.53 -1.88 -6.06
CA HIS A 38 8.21 -1.83 -6.67
C HIS A 38 7.11 -1.75 -5.63
N GLN A 39 6.03 -1.05 -5.97
CA GLN A 39 4.88 -0.91 -5.07
C GLN A 39 4.21 -2.26 -4.85
N GLY A 40 4.26 -2.73 -3.61
CA GLY A 40 3.73 -4.05 -3.27
C GLY A 40 4.80 -4.92 -2.61
N ASN A 41 6.04 -4.45 -2.64
CA ASN A 41 7.14 -5.11 -1.93
C ASN A 41 7.38 -4.46 -0.58
N HIS A 42 6.42 -3.66 -0.13
CA HIS A 42 6.55 -2.93 1.12
C HIS A 42 5.30 -3.05 1.98
N LYS A 43 5.47 -2.94 3.30
CA LYS A 43 4.35 -3.05 4.22
C LYS A 43 4.10 -1.73 4.96
N CYS A 44 2.89 -1.57 5.47
CA CYS A 44 2.52 -0.35 6.18
C CYS A 44 2.39 -0.60 7.68
#